data_3HXX
#
_entry.id   3HXX
#
_cell.length_a   43.823
_cell.length_b   111.393
_cell.length_c   118.538
_cell.angle_alpha   90.000
_cell.angle_beta   90.000
_cell.angle_gamma   90.000
#
_symmetry.space_group_name_H-M   'P 21 21 21'
#
loop_
_entity.id
_entity.type
_entity.pdbx_description
1 polymer 'Alanyl-tRNA synthetase'
2 non-polymer 'PHOSPHOMETHYLPHOSPHONIC ACID ADENYLATE ESTER'
3 non-polymer 'MAGNESIUM ION'
4 water water
#
_entity_poly.entity_id   1
_entity_poly.type   'polypeptide(L)'
_entity_poly.pdbx_seq_one_letter_code
;SKSTAEIRQAFLDFFHSKGHQVVASSSLVPHNDPTLLFTNAGMNQFKDVFLGLDKRNYSRATTSQRCVRAGGKHNDLENV
GYTARHHTFFEMLGNFSFGDYFKLDAILFAWLLLTSEKWFALPKERLWVTVYESDDEAYEIWEKEVGIPRERIIRIGDNK
GAPYASDNFWQMGDTGPCGPCTEIFYDHGDHIWGGPPGSPEEDGDRYIEIWNIVFMQFNRQADGTMEPLPKPSVDTGMGL
ERIAAVLQHVNSNYDIDLFRTLIQAVAKVTGATDLSNKSLRVIADHIRSCAFLIADGVMPSNENRGYVLRRIIRRAVRHG
NMLGAKETFFYKLVGPLIDVMGSAGEDLKRQQAQVEQVLKTEEEQFARTLERGLALLDEELAKLSGDTLDGETAFRLYDT
YGFPVDLTADVCRERNIKVDEAGFEAAMEEQRRRAREASGF
;
_entity_poly.pdbx_strand_id   A
#
# COMPACT_ATOMS: atom_id res chain seq x y z
N SER A 1 11.70 -11.36 20.01
CA SER A 1 11.58 -10.03 19.35
C SER A 1 10.24 -9.38 19.68
N LYS A 2 10.09 -8.11 19.30
CA LYS A 2 8.86 -7.39 19.57
C LYS A 2 7.78 -7.79 18.58
N SER A 3 6.53 -7.73 19.05
CA SER A 3 5.40 -8.00 18.17
C SER A 3 5.11 -6.74 17.36
N THR A 4 4.40 -6.90 16.25
CA THR A 4 4.04 -5.75 15.43
C THR A 4 3.38 -4.68 16.30
N ALA A 5 2.48 -5.12 17.18
CA ALA A 5 1.80 -4.21 18.11
C ALA A 5 2.76 -3.44 19.03
N GLU A 6 3.76 -4.15 19.55
CA GLU A 6 4.78 -3.52 20.40
C GLU A 6 5.65 -2.55 19.62
N ILE A 7 5.92 -2.88 18.35
CA ILE A 7 6.69 -2.00 17.47
C ILE A 7 5.93 -0.72 17.15
N ARG A 8 4.64 -0.87 16.81
CA ARG A 8 3.78 0.29 16.59
C ARG A 8 3.82 1.25 17.79
N GLN A 9 3.69 0.69 18.98
CA GLN A 9 3.62 1.52 20.19
C GLN A 9 4.99 2.12 20.51
N ALA A 10 6.05 1.35 20.28
CA ALA A 10 7.42 1.80 20.55
C ALA A 10 7.78 3.00 19.69
N PHE A 11 7.35 2.97 18.42
CA PHE A 11 7.59 4.06 17.50
C PHE A 11 6.89 5.32 17.99
N LEU A 12 5.62 5.20 18.33
CA LEU A 12 4.84 6.33 18.83
C LEU A 12 5.40 6.86 20.15
N ASP A 13 5.82 5.96 21.04
CA ASP A 13 6.37 6.33 22.35
C ASP A 13 7.70 7.07 22.21
N PHE A 14 8.53 6.61 21.29
CA PHE A 14 9.81 7.27 20.99
C PHE A 14 9.55 8.74 20.64
N PHE A 15 8.61 8.99 19.75
CA PHE A 15 8.40 10.35 19.29
C PHE A 15 7.62 11.21 20.28
N HIS A 16 6.70 10.59 21.01
CA HIS A 16 5.99 11.30 22.07
C HIS A 16 6.99 11.75 23.14
N SER A 17 7.99 10.91 23.41
CA SER A 17 9.00 11.22 24.40
C SER A 17 9.95 12.30 23.90
N LYS A 18 10.00 12.48 22.58
CA LYS A 18 10.82 13.52 21.97
C LYS A 18 9.94 14.72 21.62
N GLY A 19 8.93 14.96 22.44
CA GLY A 19 8.10 16.16 22.31
C GLY A 19 7.05 16.17 21.20
N HIS A 20 6.82 15.03 20.54
CA HIS A 20 5.83 15.00 19.46
C HIS A 20 4.43 14.73 19.99
N GLN A 21 3.45 15.41 19.39
CA GLN A 21 2.05 15.20 19.73
C GLN A 21 1.56 13.93 19.06
N VAL A 22 1.02 13.00 19.84
CA VAL A 22 0.47 11.78 19.27
C VAL A 22 -0.90 12.09 18.67
N VAL A 23 -1.03 11.87 17.37
CA VAL A 23 -2.29 12.13 16.68
C VAL A 23 -2.84 10.85 16.08
N ALA A 24 -4.15 10.65 16.18
CA ALA A 24 -4.78 9.42 15.72
C ALA A 24 -4.72 9.33 14.20
N SER A 25 -4.70 8.10 13.68
CA SER A 25 -4.78 7.88 12.25
C SER A 25 -6.03 8.54 11.69
N SER A 26 -5.93 9.12 10.51
CA SER A 26 -7.10 9.62 9.82
C SER A 26 -7.79 8.45 9.11
N SER A 27 -8.99 8.70 8.62
CA SER A 27 -9.78 7.68 7.91
C SER A 27 -9.12 7.29 6.59
N LEU A 28 -9.46 6.11 6.07
CA LEU A 28 -9.00 5.68 4.75
C LEU A 28 -9.69 6.49 3.64
N VAL A 29 -10.81 7.13 4.00
CA VAL A 29 -11.54 7.98 3.07
C VAL A 29 -11.11 9.43 3.23
N PRO A 30 -10.58 10.03 2.16
CA PRO A 30 -10.07 11.41 2.23
C PRO A 30 -11.17 12.37 2.66
N HIS A 31 -10.91 13.13 3.73
CA HIS A 31 -11.89 14.04 4.31
C HIS A 31 -12.43 15.01 3.27
N ASN A 32 -11.51 15.77 2.69
CA ASN A 32 -11.91 16.72 1.66
C ASN A 32 -10.96 16.70 0.49
N ASP A 33 -10.90 15.56 -0.20
CA ASP A 33 -10.34 15.59 -1.55
C ASP A 33 -11.07 14.63 -2.48
N PRO A 34 -11.85 15.19 -3.43
CA PRO A 34 -12.48 14.40 -4.49
C PRO A 34 -11.45 13.67 -5.34
N THR A 35 -10.24 14.23 -5.39
CA THR A 35 -9.15 13.75 -6.24
C THR A 35 -8.54 12.42 -5.82
N LEU A 36 -8.26 12.31 -4.52
CA LEU A 36 -7.51 11.18 -3.99
C LEU A 36 -8.50 10.08 -3.67
N LEU A 37 -8.23 8.87 -4.17
CA LEU A 37 -9.14 7.75 -3.99
C LEU A 37 -9.17 7.28 -2.52
N PHE A 38 -8.02 6.83 -2.02
CA PHE A 38 -7.88 6.48 -0.59
C PHE A 38 -6.62 7.07 0.01
N THR A 39 -6.67 7.32 1.31
CA THR A 39 -5.50 7.75 2.06
C THR A 39 -4.32 6.80 1.83
N ASN A 40 -3.23 7.33 1.32
CA ASN A 40 -2.10 6.48 0.93
C ASN A 40 -0.77 6.88 1.59
N ALA A 41 -0.85 7.82 2.51
CA ALA A 41 0.31 8.26 3.25
C ALA A 41 -0.10 8.91 4.58
N GLY A 42 0.82 8.91 5.54
CA GLY A 42 0.59 9.58 6.81
C GLY A 42 0.44 11.09 6.70
N MET A 43 0.90 11.65 5.59
CA MET A 43 0.92 13.11 5.40
C MET A 43 -0.45 13.70 5.14
N ASN A 44 -1.35 12.91 4.55
CA ASN A 44 -2.59 13.44 4.00
C ASN A 44 -3.39 14.32 4.96
N GLN A 45 -3.51 13.89 6.21
CA GLN A 45 -4.31 14.66 7.18
C GLN A 45 -3.63 15.96 7.59
N PHE A 46 -2.33 16.06 7.32
CA PHE A 46 -1.56 17.26 7.64
C PHE A 46 -1.26 18.11 6.41
N LYS A 47 -1.84 17.73 5.27
CA LYS A 47 -1.57 18.42 4.00
C LYS A 47 -1.63 19.95 4.09
N ASP A 48 -2.72 20.46 4.66
CA ASP A 48 -2.93 21.90 4.73
C ASP A 48 -2.04 22.58 5.77
N VAL A 49 -1.53 21.80 6.72
CA VAL A 49 -0.59 22.31 7.71
C VAL A 49 0.76 22.55 7.04
N PHE A 50 1.17 21.61 6.19
CA PHE A 50 2.41 21.74 5.44
C PHE A 50 2.33 22.92 4.46
N LEU A 51 1.13 23.15 3.93
CA LEU A 51 0.90 24.25 3.00
C LEU A 51 0.87 25.58 3.72
N GLY A 52 0.61 25.56 5.02
CA GLY A 52 0.57 26.77 5.82
C GLY A 52 -0.80 27.39 5.88
N LEU A 53 -1.80 26.65 5.41
CA LEU A 53 -3.20 27.13 5.42
C LEU A 53 -3.87 26.79 6.73
N ASP A 54 -3.43 25.70 7.35
CA ASP A 54 -4.00 25.24 8.60
C ASP A 54 -2.91 25.22 9.66
N LYS A 55 -3.25 25.66 10.86
CA LYS A 55 -2.28 25.76 11.94
C LYS A 55 -2.65 24.85 13.11
N ARG A 56 -1.65 24.18 13.66
CA ARG A 56 -1.88 23.33 14.82
C ARG A 56 -1.29 23.97 16.06
N ASN A 57 -1.82 23.58 17.21
CA ASN A 57 -1.29 23.99 18.49
C ASN A 57 0.10 23.40 18.73
N TYR A 58 0.37 22.30 18.03
CA TYR A 58 1.66 21.61 18.14
C TYR A 58 2.49 21.79 16.87
N SER A 59 3.81 21.80 17.02
CA SER A 59 4.72 22.02 15.89
C SER A 59 5.33 20.71 15.42
N ARG A 60 5.07 19.64 16.16
CA ARG A 60 5.55 18.31 15.81
C ARG A 60 4.54 17.24 16.20
N ALA A 61 4.36 16.25 15.32
CA ALA A 61 3.35 15.22 15.50
C ALA A 61 3.87 13.84 15.11
N THR A 62 3.14 12.81 15.49
CA THR A 62 3.50 11.44 15.16
C THR A 62 2.25 10.58 15.13
N THR A 63 2.16 9.71 14.12
CA THR A 63 0.96 8.91 13.88
C THR A 63 1.32 7.55 13.31
N SER A 64 0.41 6.60 13.47
CA SER A 64 0.47 5.36 12.70
C SER A 64 -0.77 5.38 11.80
N GLN A 65 -0.54 5.72 10.54
CA GLN A 65 -1.61 5.94 9.59
C GLN A 65 -1.94 4.68 8.82
N ARG A 66 -3.22 4.31 8.82
CA ARG A 66 -3.65 3.24 7.94
C ARG A 66 -3.77 3.79 6.52
N CYS A 67 -3.14 3.07 5.60
CA CYS A 67 -3.11 3.48 4.21
C CYS A 67 -3.62 2.36 3.32
N VAL A 68 -4.21 2.73 2.19
CA VAL A 68 -4.54 1.77 1.14
C VAL A 68 -4.00 2.29 -0.19
N ARG A 69 -3.18 1.47 -0.84
CA ARG A 69 -2.65 1.80 -2.16
C ARG A 69 -3.17 0.82 -3.19
N ALA A 70 -4.31 1.16 -3.77
CA ALA A 70 -4.99 0.27 -4.70
C ALA A 70 -5.54 1.05 -5.88
N GLY A 71 -5.00 2.24 -6.10
CA GLY A 71 -5.43 3.06 -7.24
C GLY A 71 -4.74 4.40 -7.31
N GLY A 72 -4.90 5.07 -8.44
CA GLY A 72 -4.37 6.41 -8.63
C GLY A 72 -2.85 6.50 -8.69
N LYS A 73 -2.30 7.38 -7.87
CA LYS A 73 -0.88 7.65 -7.86
C LYS A 73 -0.08 6.39 -7.52
N HIS A 74 -0.46 5.77 -6.41
CA HIS A 74 0.23 4.58 -5.92
C HIS A 74 -0.70 3.39 -5.86
N ASN A 75 -0.57 2.49 -6.83
CA ASN A 75 -1.40 1.30 -6.89
C ASN A 75 -0.54 0.05 -6.73
N ASP A 76 -0.66 -0.60 -5.59
CA ASP A 76 0.15 -1.79 -5.32
C ASP A 76 -0.62 -3.11 -5.42
N LEU A 77 -1.88 -3.03 -5.85
CA LEU A 77 -2.73 -4.21 -5.98
C LEU A 77 -2.07 -5.37 -6.74
N GLU A 78 -1.35 -5.04 -7.82
CA GLU A 78 -0.75 -6.08 -8.64
C GLU A 78 0.62 -6.54 -8.12
N ASN A 79 1.09 -5.90 -7.05
CA ASN A 79 2.31 -6.35 -6.37
C ASN A 79 1.99 -7.33 -5.25
N VAL A 80 0.76 -7.31 -4.76
CA VAL A 80 0.37 -8.17 -3.64
C VAL A 80 0.50 -9.65 -3.99
N GLY A 81 1.33 -10.36 -3.23
CA GLY A 81 1.52 -11.78 -3.42
C GLY A 81 2.68 -12.10 -4.34
N TYR A 82 3.27 -11.05 -4.92
CA TYR A 82 4.41 -11.18 -5.81
C TYR A 82 5.69 -10.60 -5.20
N THR A 83 5.55 -9.54 -4.42
CA THR A 83 6.70 -8.99 -3.70
C THR A 83 6.63 -9.28 -2.20
N ALA A 84 7.76 -9.13 -1.54
CA ALA A 84 7.85 -9.38 -0.09
C ALA A 84 7.39 -8.17 0.70
N ARG A 85 7.23 -7.04 0.02
CA ARG A 85 7.18 -5.74 0.71
C ARG A 85 5.91 -4.89 0.48
N HIS A 86 5.00 -5.38 -0.35
CA HIS A 86 3.82 -4.60 -0.71
C HIS A 86 2.50 -5.17 -0.22
N HIS A 87 1.67 -4.30 0.36
CA HIS A 87 0.29 -4.60 0.68
C HIS A 87 -0.61 -3.62 -0.05
N THR A 88 -1.91 -3.91 -0.09
CA THR A 88 -2.88 -2.86 -0.41
C THR A 88 -3.06 -2.04 0.87
N PHE A 89 -3.53 -2.69 1.94
CA PHE A 89 -3.63 -2.03 3.24
C PHE A 89 -2.34 -2.18 4.04
N PHE A 90 -1.86 -1.07 4.61
CA PHE A 90 -0.71 -1.11 5.50
C PHE A 90 -0.70 0.10 6.42
N GLU A 91 0.12 0.04 7.46
CA GLU A 91 0.29 1.16 8.37
C GLU A 91 1.61 1.87 8.13
N MET A 92 1.54 3.19 7.99
CA MET A 92 2.72 4.01 7.82
C MET A 92 3.02 4.75 9.13
N LEU A 93 4.17 4.45 9.72
CA LEU A 93 4.59 5.15 10.92
C LEU A 93 5.27 6.46 10.51
N GLY A 94 4.80 7.57 11.07
CA GLY A 94 5.32 8.85 10.66
C GLY A 94 5.64 9.78 11.82
N ASN A 95 6.66 10.61 11.61
CA ASN A 95 6.87 11.78 12.46
C ASN A 95 6.86 13.03 11.58
N PHE A 96 6.29 14.10 12.10
CA PHE A 96 6.04 15.29 11.30
C PHE A 96 6.55 16.52 12.01
N SER A 97 7.23 17.39 11.26
CA SER A 97 7.68 18.67 11.78
C SER A 97 7.00 19.77 10.98
N PHE A 98 6.15 20.55 11.63
CA PHE A 98 5.51 21.65 10.94
C PHE A 98 6.24 22.95 11.28
N GLY A 99 7.26 23.26 10.49
CA GLY A 99 8.08 24.45 10.74
C GLY A 99 8.89 24.37 12.02
N ASP A 100 9.23 23.15 12.43
CA ASP A 100 10.05 22.91 13.60
C ASP A 100 11.42 22.48 13.07
N TYR A 101 11.92 21.36 13.59
CA TYR A 101 13.20 20.81 13.17
C TYR A 101 13.20 20.49 11.67
N PHE A 102 14.39 20.51 11.07
CA PHE A 102 14.50 20.22 9.65
C PHE A 102 15.46 19.05 9.46
N LYS A 103 16.37 19.15 8.49
CA LYS A 103 17.12 18.00 7.98
C LYS A 103 17.96 17.23 9.00
N LEU A 104 18.80 17.95 9.74
CA LEU A 104 19.71 17.26 10.66
C LEU A 104 18.98 16.46 11.73
N ASP A 105 18.04 17.10 12.43
CA ASP A 105 17.32 16.43 13.50
C ASP A 105 16.34 15.34 13.03
N ALA A 106 15.80 15.50 11.82
CA ALA A 106 14.97 14.45 11.22
C ALA A 106 15.80 13.17 11.03
N ILE A 107 16.96 13.33 10.41
CA ILE A 107 17.88 12.23 10.16
C ILE A 107 18.41 11.58 11.46
N LEU A 108 18.68 12.40 12.47
CA LEU A 108 19.14 11.89 13.77
C LEU A 108 18.07 11.11 14.54
N PHE A 109 16.84 11.63 14.57
CA PHE A 109 15.73 10.94 15.20
C PHE A 109 15.62 9.54 14.60
N ALA A 110 15.67 9.45 13.28
CA ALA A 110 15.50 8.18 12.58
C ALA A 110 16.64 7.22 12.87
N TRP A 111 17.87 7.73 12.81
CA TRP A 111 19.05 6.92 13.05
C TRP A 111 19.07 6.42 14.50
N LEU A 112 18.70 7.29 15.44
CA LEU A 112 18.61 6.92 16.84
C LEU A 112 17.61 5.77 17.07
N LEU A 113 16.37 5.95 16.60
CA LEU A 113 15.34 4.93 16.78
C LEU A 113 15.79 3.59 16.21
N LEU A 114 16.34 3.63 15.00
CA LEU A 114 16.75 2.41 14.31
C LEU A 114 17.98 1.71 14.89
N THR A 115 18.96 2.47 15.36
CA THR A 115 20.26 1.87 15.70
C THR A 115 20.69 1.93 17.17
N SER A 116 19.99 2.74 17.96
CA SER A 116 20.32 2.88 19.39
C SER A 116 20.05 1.59 20.18
N GLU A 117 20.96 1.28 21.11
CA GLU A 117 20.80 0.10 21.97
C GLU A 117 19.58 0.26 22.86
N LYS A 118 19.23 1.52 23.12
CA LYS A 118 18.04 1.84 23.90
C LYS A 118 16.75 1.64 23.11
N TRP A 119 16.86 1.59 21.78
CA TRP A 119 15.69 1.42 20.94
C TRP A 119 15.80 0.20 20.02
N PHE A 120 15.64 0.35 18.71
CA PHE A 120 15.57 -0.83 17.84
C PHE A 120 16.88 -1.59 17.71
N ALA A 121 18.00 -0.93 17.97
CA ALA A 121 19.32 -1.57 18.02
C ALA A 121 19.70 -2.38 16.79
N LEU A 122 19.24 -1.95 15.62
CA LEU A 122 19.65 -2.59 14.37
C LEU A 122 21.11 -2.32 14.09
N PRO A 123 21.81 -3.30 13.50
CA PRO A 123 23.21 -3.13 13.12
C PRO A 123 23.36 -2.14 11.98
N LYS A 124 24.31 -1.23 12.12
CA LYS A 124 24.52 -0.15 11.16
C LYS A 124 25.01 -0.63 9.80
N GLU A 125 25.73 -1.73 9.77
CA GLU A 125 26.31 -2.24 8.52
C GLU A 125 25.27 -2.79 7.56
N ARG A 126 24.05 -2.99 8.04
CA ARG A 126 22.99 -3.54 7.21
C ARG A 126 22.13 -2.45 6.62
N LEU A 127 22.37 -1.22 7.05
CA LEU A 127 21.57 -0.08 6.62
C LEU A 127 22.26 0.74 5.52
N TRP A 128 21.46 1.14 4.53
CA TRP A 128 21.91 1.93 3.39
C TRP A 128 21.00 3.14 3.30
N VAL A 129 21.48 4.25 2.76
CA VAL A 129 20.61 5.42 2.58
C VAL A 129 20.68 6.00 1.17
N THR A 130 19.60 6.65 0.76
CA THR A 130 19.62 7.38 -0.49
C THR A 130 19.25 8.83 -0.25
N VAL A 131 19.78 9.72 -1.08
CA VAL A 131 19.42 11.12 -1.05
C VAL A 131 19.11 11.58 -2.46
N TYR A 132 18.32 12.64 -2.56
CA TYR A 132 18.11 13.29 -3.84
C TYR A 132 19.46 13.83 -4.29
N GLU A 133 19.80 13.59 -5.55
CA GLU A 133 21.13 13.90 -6.08
C GLU A 133 21.60 15.31 -5.73
N SER A 134 20.70 16.27 -5.82
CA SER A 134 21.06 17.66 -5.60
C SER A 134 20.98 18.07 -4.12
N ASP A 135 20.59 17.14 -3.25
CA ASP A 135 20.50 17.41 -1.82
C ASP A 135 21.85 17.24 -1.13
N ASP A 136 22.75 18.20 -1.32
CA ASP A 136 24.10 18.10 -0.78
C ASP A 136 24.10 18.14 0.75
N GLU A 137 23.11 18.81 1.31
CA GLU A 137 22.99 18.94 2.76
C GLU A 137 22.68 17.61 3.43
N ALA A 138 21.70 16.88 2.88
CA ALA A 138 21.36 15.56 3.41
C ALA A 138 22.55 14.61 3.26
N TYR A 139 23.19 14.65 2.10
CA TYR A 139 24.40 13.85 1.88
C TYR A 139 25.47 14.08 2.95
N GLU A 140 25.76 15.35 3.23
CA GLU A 140 26.79 15.72 4.22
C GLU A 140 26.43 15.30 5.64
N ILE A 141 25.14 15.42 5.99
CA ILE A 141 24.66 14.96 7.28
C ILE A 141 24.94 13.46 7.45
N TRP A 142 24.48 12.66 6.51
CA TRP A 142 24.70 11.21 6.58
C TRP A 142 26.17 10.87 6.68
N GLU A 143 26.99 11.58 5.91
CA GLU A 143 28.40 11.24 5.79
C GLU A 143 29.23 11.69 6.99
N LYS A 144 29.00 12.91 7.45
CA LYS A 144 29.86 13.54 8.45
C LYS A 144 29.23 13.66 9.83
N GLU A 145 27.91 13.74 9.89
CA GLU A 145 27.21 13.82 11.17
C GLU A 145 26.81 12.43 11.68
N VAL A 146 26.40 11.54 10.78
CA VAL A 146 26.00 10.18 11.18
C VAL A 146 27.17 9.22 11.01
N GLY A 147 27.94 9.41 9.94
CA GLY A 147 29.14 8.61 9.71
C GLY A 147 28.92 7.40 8.82
N ILE A 148 27.88 7.45 7.98
CA ILE A 148 27.67 6.42 6.98
C ILE A 148 28.83 6.46 5.99
N PRO A 149 29.50 5.31 5.78
CA PRO A 149 30.53 5.29 4.73
C PRO A 149 29.93 5.63 3.37
N ARG A 150 30.71 6.30 2.54
CA ARG A 150 30.23 6.83 1.27
C ARG A 150 29.68 5.76 0.33
N GLU A 151 30.17 4.54 0.45
CA GLU A 151 29.72 3.46 -0.44
C GLU A 151 28.26 3.07 -0.18
N ARG A 152 27.76 3.40 1.01
CA ARG A 152 26.38 3.13 1.38
C ARG A 152 25.48 4.36 1.34
N ILE A 153 25.99 5.45 0.77
CA ILE A 153 25.17 6.63 0.50
C ILE A 153 25.01 6.76 -1.01
N ILE A 154 23.77 6.69 -1.47
CA ILE A 154 23.49 6.66 -2.91
C ILE A 154 22.69 7.90 -3.32
N ARG A 155 23.21 8.65 -4.29
CA ARG A 155 22.50 9.79 -4.83
C ARG A 155 21.56 9.33 -5.93
N ILE A 156 20.31 9.75 -5.84
CA ILE A 156 19.32 9.38 -6.84
C ILE A 156 18.77 10.64 -7.47
N GLY A 157 18.90 10.75 -8.79
CA GLY A 157 18.42 11.93 -9.50
C GLY A 157 17.02 11.71 -10.03
N ASP A 158 16.67 12.42 -11.09
CA ASP A 158 15.36 12.28 -11.70
C ASP A 158 15.27 10.98 -12.50
N ASN A 159 15.24 9.86 -11.79
CA ASN A 159 15.33 8.55 -12.42
C ASN A 159 14.03 8.03 -13.02
N LYS A 160 12.96 8.83 -12.93
CA LYS A 160 11.69 8.46 -13.54
C LYS A 160 11.46 9.22 -14.84
N GLY A 161 12.53 9.82 -15.36
CA GLY A 161 12.53 10.41 -16.70
C GLY A 161 11.75 11.70 -16.89
N ALA A 162 11.91 12.62 -15.95
CA ALA A 162 11.27 13.93 -16.01
C ALA A 162 11.71 14.75 -14.80
N PRO A 163 11.66 16.09 -14.92
CA PRO A 163 12.03 16.95 -13.79
C PRO A 163 11.22 16.63 -12.54
N TYR A 164 11.91 16.37 -11.43
CA TYR A 164 11.28 16.09 -10.14
C TYR A 164 10.61 14.72 -10.07
N ALA A 165 10.73 13.95 -11.15
CA ALA A 165 10.23 12.58 -11.19
C ALA A 165 11.32 11.65 -10.70
N SER A 166 11.30 11.35 -9.41
CA SER A 166 12.41 10.66 -8.77
C SER A 166 11.95 9.83 -7.57
N ASP A 167 12.68 8.76 -7.30
CA ASP A 167 12.45 7.97 -6.09
C ASP A 167 12.86 8.75 -4.83
N ASN A 168 13.64 9.81 -5.02
CA ASN A 168 14.00 10.69 -3.91
C ASN A 168 13.44 12.09 -4.00
N PHE A 169 12.37 12.24 -4.77
CA PHE A 169 11.53 13.41 -4.69
C PHE A 169 10.10 12.92 -4.49
N TRP A 170 9.53 13.24 -3.34
CA TRP A 170 8.28 12.64 -2.91
C TRP A 170 7.11 13.58 -3.15
N GLN A 171 6.12 13.11 -3.90
CA GLN A 171 4.91 13.88 -4.14
C GLN A 171 3.68 12.98 -4.30
N MET A 172 2.78 13.03 -3.31
CA MET A 172 1.61 12.16 -3.28
C MET A 172 0.55 12.49 -4.31
N GLY A 173 0.61 13.70 -4.85
CA GLY A 173 -0.36 14.13 -5.86
C GLY A 173 0.27 14.96 -6.96
N ASP A 174 -0.54 15.30 -7.95
CA ASP A 174 -0.10 16.18 -9.02
C ASP A 174 0.10 17.58 -8.48
N THR A 175 -0.61 17.89 -7.39
CA THR A 175 -0.41 19.13 -6.66
C THR A 175 -0.25 18.83 -5.17
N GLY A 176 0.16 19.83 -4.40
CA GLY A 176 0.32 19.67 -2.96
C GLY A 176 1.76 19.69 -2.50
N PRO A 177 1.97 19.63 -1.18
CA PRO A 177 3.30 19.70 -0.59
C PRO A 177 4.17 18.51 -1.01
N CYS A 178 5.45 18.79 -1.29
CA CYS A 178 6.36 17.78 -1.76
C CYS A 178 7.80 18.24 -1.53
N GLY A 179 8.76 17.36 -1.78
CA GLY A 179 10.15 17.74 -1.66
C GLY A 179 11.10 16.58 -1.82
N PRO A 180 12.41 16.89 -1.87
CA PRO A 180 13.45 15.88 -1.88
C PRO A 180 13.35 15.04 -0.60
N CYS A 181 13.74 13.78 -0.68
CA CYS A 181 13.64 12.95 0.50
C CYS A 181 14.87 12.08 0.62
N THR A 182 15.11 11.59 1.83
CA THR A 182 16.20 10.66 2.06
C THR A 182 15.59 9.38 2.63
N GLU A 183 16.03 8.24 2.15
CA GLU A 183 15.40 6.97 2.52
C GLU A 183 16.39 5.96 3.04
N ILE A 184 15.96 5.20 4.05
CA ILE A 184 16.81 4.21 4.69
C ILE A 184 16.41 2.82 4.23
N PHE A 185 17.40 2.06 3.79
CA PHE A 185 17.19 0.72 3.27
C PHE A 185 17.86 -0.29 4.17
N TYR A 186 17.28 -1.49 4.25
CA TYR A 186 17.86 -2.58 5.01
C TYR A 186 18.18 -3.72 4.07
N ASP A 187 19.37 -4.27 4.21
CA ASP A 187 19.84 -5.37 3.38
C ASP A 187 19.45 -6.68 4.05
N HIS A 188 18.50 -7.40 3.44
CA HIS A 188 17.97 -8.62 4.04
C HIS A 188 18.87 -9.85 3.81
N GLY A 189 19.85 -9.72 2.93
CA GLY A 189 20.84 -10.77 2.72
C GLY A 189 20.98 -11.18 1.27
N ASP A 190 22.11 -11.77 0.93
CA ASP A 190 22.44 -12.14 -0.44
C ASP A 190 21.82 -13.45 -0.93
N HIS A 191 20.97 -14.06 -0.12
CA HIS A 191 20.20 -15.20 -0.59
C HIS A 191 18.99 -14.70 -1.38
N ILE A 192 18.76 -13.39 -1.34
CA ILE A 192 17.65 -12.74 -2.01
C ILE A 192 18.12 -11.99 -3.26
N TRP A 193 17.45 -12.21 -4.38
CA TRP A 193 17.70 -11.45 -5.59
C TRP A 193 17.44 -9.96 -5.38
N GLY A 194 18.23 -9.13 -6.03
CA GLY A 194 18.03 -7.68 -5.99
C GLY A 194 19.32 -6.93 -5.71
N GLY A 195 19.42 -5.71 -6.24
CA GLY A 195 20.58 -4.86 -5.97
C GLY A 195 20.20 -3.68 -5.11
N PRO A 196 21.20 -2.87 -4.72
CA PRO A 196 20.92 -1.66 -3.96
C PRO A 196 20.19 -0.64 -4.82
N PRO A 197 19.63 0.42 -4.20
CA PRO A 197 18.93 1.47 -4.94
C PRO A 197 19.84 2.11 -5.99
N GLY A 198 19.29 2.43 -7.16
CA GLY A 198 20.06 3.07 -8.23
C GLY A 198 20.62 2.09 -9.25
N SER A 199 20.30 0.83 -9.07
CA SER A 199 20.69 -0.20 -10.03
C SER A 199 19.42 -0.70 -10.69
N PRO A 200 19.54 -1.25 -11.90
CA PRO A 200 18.39 -1.80 -12.62
C PRO A 200 17.75 -2.99 -11.92
N GLU A 201 18.35 -3.42 -10.81
CA GLU A 201 17.83 -4.56 -10.05
C GLU A 201 17.39 -4.13 -8.64
N GLU A 202 17.17 -2.83 -8.47
CA GLU A 202 16.77 -2.26 -7.18
C GLU A 202 15.39 -2.76 -6.74
N ASP A 203 14.59 -3.20 -7.71
CA ASP A 203 13.21 -3.59 -7.46
C ASP A 203 13.11 -4.94 -6.74
N GLY A 204 14.24 -5.62 -6.62
CA GLY A 204 14.31 -6.87 -5.86
C GLY A 204 14.01 -6.65 -4.39
N ASP A 205 13.71 -7.74 -3.69
CA ASP A 205 13.35 -7.66 -2.28
C ASP A 205 14.54 -7.82 -1.32
N ARG A 206 15.76 -7.65 -1.84
CA ARG A 206 16.93 -7.75 -0.95
C ARG A 206 17.14 -6.46 -0.15
N TYR A 207 17.21 -5.34 -0.87
CA TYR A 207 17.40 -4.06 -0.24
C TYR A 207 16.04 -3.40 -0.16
N ILE A 208 15.42 -3.50 1.01
CA ILE A 208 14.05 -3.02 1.15
C ILE A 208 14.01 -1.65 1.79
N GLU A 209 13.23 -0.76 1.17
CA GLU A 209 13.04 0.58 1.68
C GLU A 209 12.18 0.58 2.95
N ILE A 210 12.78 1.01 4.05
CA ILE A 210 12.12 0.96 5.34
C ILE A 210 11.48 2.29 5.70
N TRP A 211 12.27 3.34 5.64
CA TRP A 211 11.86 4.63 6.18
C TRP A 211 12.15 5.74 5.18
N ASN A 212 11.11 6.45 4.79
CA ASN A 212 11.25 7.60 3.92
C ASN A 212 11.10 8.92 4.67
N ILE A 213 12.16 9.74 4.67
CA ILE A 213 12.13 11.03 5.35
C ILE A 213 12.05 12.15 4.32
N VAL A 214 10.89 12.81 4.24
CA VAL A 214 10.67 13.86 3.26
C VAL A 214 10.94 15.25 3.83
N PHE A 215 11.73 16.01 3.11
CA PHE A 215 11.96 17.41 3.47
C PHE A 215 11.02 18.28 2.67
N MET A 216 9.84 18.54 3.24
CA MET A 216 8.79 19.31 2.57
C MET A 216 9.28 20.72 2.28
N GLN A 217 9.41 21.03 0.99
CA GLN A 217 9.99 22.30 0.56
C GLN A 217 9.03 23.08 -0.34
N PHE A 218 8.28 22.36 -1.16
CA PHE A 218 7.49 22.99 -2.22
C PHE A 218 6.01 22.60 -2.20
N ASN A 219 5.20 23.50 -2.74
CA ASN A 219 3.84 23.19 -3.14
C ASN A 219 3.84 23.11 -4.66
N ARG A 220 3.54 21.93 -5.20
CA ARG A 220 3.48 21.76 -6.64
C ARG A 220 2.12 22.25 -7.14
N GLN A 221 2.14 23.05 -8.21
CA GLN A 221 0.92 23.60 -8.77
C GLN A 221 0.50 22.84 -10.03
N ALA A 222 -0.65 23.20 -10.59
CA ALA A 222 -1.15 22.55 -11.80
C ALA A 222 -0.24 22.82 -13.01
N ASP A 223 0.55 23.89 -12.93
CA ASP A 223 1.50 24.23 -13.98
C ASP A 223 2.74 23.33 -13.90
N GLY A 224 2.79 22.51 -12.85
CA GLY A 224 3.94 21.66 -12.60
C GLY A 224 5.09 22.46 -12.00
N THR A 225 4.82 23.74 -11.72
CA THR A 225 5.83 24.62 -11.15
C THR A 225 5.90 24.47 -9.63
N MET A 226 7.11 24.59 -9.09
CA MET A 226 7.33 24.41 -7.66
C MET A 226 7.34 25.74 -6.92
N GLU A 227 6.29 25.98 -6.15
CA GLU A 227 6.19 27.14 -5.29
C GLU A 227 6.77 26.75 -3.94
N PRO A 228 7.66 27.59 -3.38
CA PRO A 228 8.26 27.24 -2.08
C PRO A 228 7.24 27.29 -0.94
N LEU A 229 7.29 26.31 -0.06
CA LEU A 229 6.46 26.32 1.13
C LEU A 229 6.92 27.43 2.07
N PRO A 230 5.98 28.07 2.77
CA PRO A 230 6.31 29.15 3.72
C PRO A 230 7.33 28.75 4.76
N LYS A 231 7.19 27.54 5.32
CA LYS A 231 8.16 26.99 6.25
C LYS A 231 8.57 25.59 5.84
N PRO A 232 9.87 25.39 5.59
CA PRO A 232 10.39 24.05 5.32
C PRO A 232 10.02 23.10 6.46
N SER A 233 9.56 21.91 6.10
CA SER A 233 9.00 21.00 7.09
C SER A 233 9.44 19.57 6.85
N VAL A 234 9.01 18.66 7.71
CA VAL A 234 9.43 17.26 7.61
C VAL A 234 8.22 16.35 7.63
N ASP A 235 8.22 15.38 6.74
CA ASP A 235 7.20 14.35 6.70
C ASP A 235 7.92 13.02 6.52
N THR A 236 7.80 12.12 7.49
CA THR A 236 8.43 10.82 7.32
C THR A 236 7.39 9.71 7.33
N GLY A 237 7.77 8.57 6.79
CA GLY A 237 6.87 7.44 6.64
C GLY A 237 7.64 6.15 6.62
N MET A 238 7.40 5.31 7.63
CA MET A 238 8.04 4.02 7.73
C MET A 238 6.97 2.93 7.79
N GLY A 239 7.10 1.91 6.94
CA GLY A 239 6.13 0.82 6.88
C GLY A 239 6.22 -0.07 8.12
N LEU A 240 5.13 -0.13 8.87
CA LEU A 240 5.11 -0.94 10.08
C LEU A 240 5.48 -2.39 9.79
N GLU A 241 4.89 -2.95 8.75
CA GLU A 241 5.12 -4.35 8.41
C GLU A 241 6.56 -4.59 7.99
N ARG A 242 7.14 -3.62 7.28
CA ARG A 242 8.50 -3.76 6.76
C ARG A 242 9.53 -3.69 7.87
N ILE A 243 9.32 -2.79 8.84
CA ILE A 243 10.24 -2.69 9.99
C ILE A 243 9.99 -3.84 10.95
N ALA A 244 8.74 -4.32 11.03
CA ALA A 244 8.44 -5.50 11.83
C ALA A 244 9.20 -6.71 11.30
N ALA A 245 9.26 -6.84 9.98
CA ALA A 245 10.01 -7.94 9.34
C ALA A 245 11.49 -7.90 9.71
N VAL A 246 12.09 -6.72 9.62
CA VAL A 246 13.49 -6.54 10.00
C VAL A 246 13.71 -6.93 11.45
N LEU A 247 12.83 -6.44 12.32
CA LEU A 247 12.95 -6.66 13.75
C LEU A 247 12.67 -8.11 14.19
N GLN A 248 11.85 -8.82 13.43
CA GLN A 248 11.51 -10.20 13.75
C GLN A 248 12.41 -11.17 12.99
N HIS A 249 13.40 -10.62 12.30
CA HIS A 249 14.44 -11.41 11.62
C HIS A 249 13.90 -12.22 10.46
N VAL A 250 12.87 -11.69 9.80
CA VAL A 250 12.32 -12.32 8.61
C VAL A 250 12.45 -11.39 7.40
N ASN A 251 12.35 -11.95 6.21
CA ASN A 251 12.60 -11.17 5.00
C ASN A 251 11.32 -10.65 4.36
N SER A 252 10.22 -11.37 4.54
CA SER A 252 8.93 -10.99 3.95
C SER A 252 7.96 -10.38 4.96
N ASN A 253 7.23 -9.34 4.55
CA ASN A 253 6.17 -8.76 5.37
C ASN A 253 5.18 -9.83 5.84
N TYR A 254 4.98 -10.85 5.01
CA TYR A 254 4.02 -11.91 5.30
C TYR A 254 4.57 -12.96 6.28
N ASP A 255 5.82 -12.78 6.69
CA ASP A 255 6.46 -13.66 7.68
C ASP A 255 6.40 -13.10 9.10
N ILE A 256 5.87 -11.89 9.27
CA ILE A 256 5.74 -11.29 10.60
C ILE A 256 4.58 -11.91 11.37
N ASP A 257 4.60 -11.78 12.69
CA ASP A 257 3.61 -12.42 13.55
C ASP A 257 2.18 -12.17 13.12
N LEU A 258 1.87 -10.93 12.77
CA LEU A 258 0.52 -10.52 12.37
C LEU A 258 0.01 -11.34 11.20
N PHE A 259 0.84 -11.49 10.17
CA PHE A 259 0.44 -12.21 8.98
C PHE A 259 0.52 -13.72 9.11
N ARG A 260 1.44 -14.22 9.92
CA ARG A 260 1.52 -15.66 10.17
C ARG A 260 0.20 -16.10 10.77
N THR A 261 -0.34 -15.30 11.68
CA THR A 261 -1.59 -15.61 12.34
C THR A 261 -2.77 -15.43 11.39
N LEU A 262 -2.69 -14.39 10.56
CA LEU A 262 -3.78 -14.09 9.65
C LEU A 262 -3.82 -15.13 8.55
N ILE A 263 -2.64 -15.53 8.07
CA ILE A 263 -2.57 -16.54 7.02
C ILE A 263 -3.09 -17.89 7.54
N GLN A 264 -2.82 -18.19 8.81
CA GLN A 264 -3.33 -19.40 9.44
C GLN A 264 -4.86 -19.39 9.49
N ALA A 265 -5.43 -18.23 9.82
CA ALA A 265 -6.86 -18.04 9.80
C ALA A 265 -7.45 -18.25 8.40
N VAL A 266 -6.73 -17.77 7.39
CA VAL A 266 -7.17 -17.94 6.00
C VAL A 266 -7.17 -19.41 5.58
N ALA A 267 -6.10 -20.14 5.94
CA ALA A 267 -6.02 -21.56 5.63
C ALA A 267 -7.14 -22.33 6.36
N LYS A 268 -7.49 -21.87 7.54
CA LYS A 268 -8.52 -22.53 8.34
C LYS A 268 -9.92 -22.47 7.69
N VAL A 269 -10.35 -21.27 7.29
CA VAL A 269 -11.68 -21.09 6.72
C VAL A 269 -11.81 -21.55 5.26
N THR A 270 -10.68 -21.73 4.57
CA THR A 270 -10.72 -22.14 3.17
C THR A 270 -10.38 -23.62 2.99
N GLY A 271 -9.85 -24.25 4.04
CA GLY A 271 -9.41 -25.64 3.96
C GLY A 271 -8.06 -25.82 3.28
N ALA A 272 -7.39 -24.71 2.96
CA ALA A 272 -6.07 -24.77 2.35
C ALA A 272 -5.14 -25.63 3.18
N THR A 273 -4.30 -26.42 2.50
CA THR A 273 -3.37 -27.32 3.18
C THR A 273 -1.96 -26.73 3.21
N ASP A 274 -1.63 -25.94 2.20
CA ASP A 274 -0.34 -25.23 2.19
C ASP A 274 -0.26 -24.23 3.34
N LEU A 275 0.94 -24.07 3.88
CA LEU A 275 1.17 -23.12 4.94
C LEU A 275 1.30 -21.72 4.36
N SER A 276 1.70 -21.67 3.08
CA SER A 276 1.65 -20.42 2.34
C SER A 276 1.69 -20.61 0.82
N ASN A 277 0.94 -19.76 0.12
CA ASN A 277 1.03 -19.63 -1.32
C ASN A 277 0.54 -18.24 -1.71
N LYS A 278 0.60 -17.92 -3.00
CA LYS A 278 0.16 -16.60 -3.43
C LYS A 278 -1.22 -16.29 -2.84
N SER A 279 -2.15 -17.22 -3.00
CA SER A 279 -3.54 -17.02 -2.62
C SER A 279 -3.77 -16.77 -1.13
N LEU A 280 -3.05 -17.50 -0.28
CA LEU A 280 -3.18 -17.31 1.16
C LEU A 280 -2.74 -15.90 1.54
N ARG A 281 -1.62 -15.47 0.96
CA ARG A 281 -1.07 -14.14 1.22
C ARG A 281 -1.95 -13.02 0.65
N VAL A 282 -2.48 -13.26 -0.55
CA VAL A 282 -3.37 -12.29 -1.20
C VAL A 282 -4.63 -12.04 -0.37
N ILE A 283 -5.25 -13.13 0.11
CA ILE A 283 -6.48 -13.02 0.88
C ILE A 283 -6.24 -12.35 2.23
N ALA A 284 -5.12 -12.70 2.86
CA ALA A 284 -4.72 -12.09 4.12
C ALA A 284 -4.63 -10.57 3.96
N ASP A 285 -3.99 -10.15 2.88
CA ASP A 285 -3.86 -8.72 2.58
C ASP A 285 -5.21 -8.08 2.29
N HIS A 286 -6.03 -8.76 1.48
CA HIS A 286 -7.28 -8.18 0.98
C HIS A 286 -8.30 -7.98 2.08
N ILE A 287 -8.36 -8.89 3.05
CA ILE A 287 -9.29 -8.73 4.17
C ILE A 287 -8.99 -7.45 4.93
N ARG A 288 -7.71 -7.09 5.05
CA ARG A 288 -7.32 -5.87 5.71
C ARG A 288 -7.88 -4.66 4.97
N SER A 289 -7.63 -4.56 3.67
CA SER A 289 -8.14 -3.41 2.91
C SER A 289 -9.66 -3.40 2.85
N CYS A 290 -10.28 -4.54 2.58
CA CYS A 290 -11.75 -4.61 2.50
C CYS A 290 -12.46 -4.31 3.82
N ALA A 291 -12.04 -4.95 4.90
CA ALA A 291 -12.70 -4.75 6.20
C ALA A 291 -12.56 -3.32 6.69
N PHE A 292 -11.35 -2.77 6.58
CA PHE A 292 -11.09 -1.42 7.06
C PHE A 292 -11.73 -0.34 6.18
N LEU A 293 -11.79 -0.58 4.88
CA LEU A 293 -12.49 0.33 3.97
C LEU A 293 -13.98 0.39 4.30
N ILE A 294 -14.60 -0.76 4.51
CA ILE A 294 -16.00 -0.82 4.92
C ILE A 294 -16.24 -0.14 6.25
N ALA A 295 -15.37 -0.42 7.22
CA ALA A 295 -15.44 0.23 8.53
C ALA A 295 -15.28 1.74 8.43
N ASP A 296 -14.56 2.22 7.42
CA ASP A 296 -14.41 3.67 7.22
C ASP A 296 -15.54 4.24 6.36
N GLY A 297 -16.54 3.42 6.07
CA GLY A 297 -17.77 3.89 5.42
C GLY A 297 -17.89 3.63 3.93
N VAL A 298 -16.92 2.93 3.35
CA VAL A 298 -16.98 2.61 1.93
C VAL A 298 -17.91 1.43 1.68
N MET A 299 -18.89 1.62 0.80
CA MET A 299 -19.82 0.56 0.44
C MET A 299 -19.53 0.05 -0.97
N PRO A 300 -19.59 -1.27 -1.17
CA PRO A 300 -19.36 -1.82 -2.50
C PRO A 300 -20.37 -1.28 -3.52
N SER A 301 -19.88 -1.02 -4.72
CA SER A 301 -20.70 -0.46 -5.79
C SER A 301 -19.99 -0.71 -7.10
N ASN A 302 -20.57 -0.20 -8.18
CA ASN A 302 -19.95 -0.35 -9.48
C ASN A 302 -19.31 0.93 -9.96
N GLU A 303 -19.14 1.89 -9.04
CA GLU A 303 -18.49 3.15 -9.37
C GLU A 303 -17.48 3.64 -8.33
N ASN A 304 -16.42 4.27 -8.83
CA ASN A 304 -15.49 5.01 -7.99
C ASN A 304 -14.89 4.19 -6.85
N ARG A 305 -14.94 4.70 -5.63
CA ARG A 305 -14.34 4.00 -4.50
C ARG A 305 -14.99 2.65 -4.24
N GLY A 306 -16.32 2.63 -4.34
CA GLY A 306 -17.11 1.41 -4.18
C GLY A 306 -16.70 0.29 -5.11
N TYR A 307 -16.31 0.64 -6.34
CA TYR A 307 -15.90 -0.38 -7.29
C TYR A 307 -14.52 -0.95 -6.97
N VAL A 308 -13.62 -0.10 -6.46
CA VAL A 308 -12.31 -0.60 -6.05
C VAL A 308 -12.48 -1.62 -4.94
N LEU A 309 -13.32 -1.30 -3.95
CA LEU A 309 -13.66 -2.23 -2.88
C LEU A 309 -14.24 -3.53 -3.43
N ARG A 310 -15.30 -3.42 -4.22
CA ARG A 310 -15.92 -4.59 -4.85
C ARG A 310 -14.89 -5.43 -5.59
N ARG A 311 -14.05 -4.77 -6.39
CA ARG A 311 -12.97 -5.45 -7.11
C ARG A 311 -12.01 -6.26 -6.22
N ILE A 312 -11.60 -5.67 -5.10
CA ILE A 312 -10.73 -6.35 -4.15
C ILE A 312 -11.46 -7.52 -3.49
N ILE A 313 -12.70 -7.30 -3.07
CA ILE A 313 -13.50 -8.38 -2.48
C ILE A 313 -13.56 -9.58 -3.44
N ARG A 314 -13.90 -9.30 -4.69
CA ARG A 314 -14.08 -10.37 -5.67
C ARG A 314 -12.79 -11.10 -6.02
N ARG A 315 -11.67 -10.39 -6.02
CA ARG A 315 -10.39 -11.02 -6.26
C ARG A 315 -10.01 -11.97 -5.10
N ALA A 316 -10.32 -11.56 -3.88
CA ALA A 316 -10.11 -12.40 -2.70
C ALA A 316 -11.00 -13.65 -2.71
N VAL A 317 -12.24 -13.50 -3.13
CA VAL A 317 -13.15 -14.64 -3.26
C VAL A 317 -12.65 -15.60 -4.33
N ARG A 318 -12.15 -15.05 -5.43
CA ARG A 318 -11.57 -15.86 -6.51
C ARG A 318 -10.36 -16.66 -6.02
N HIS A 319 -9.48 -16.01 -5.27
CA HIS A 319 -8.36 -16.72 -4.67
C HIS A 319 -8.81 -17.78 -3.69
N GLY A 320 -9.91 -17.50 -2.98
CA GLY A 320 -10.51 -18.50 -2.10
C GLY A 320 -10.92 -19.74 -2.88
N ASN A 321 -11.49 -19.52 -4.05
CA ASN A 321 -11.87 -20.61 -4.95
C ASN A 321 -10.67 -21.47 -5.30
N MET A 322 -9.58 -20.81 -5.66
CA MET A 322 -8.36 -21.52 -6.05
C MET A 322 -7.78 -22.34 -4.89
N LEU A 323 -8.06 -21.92 -3.65
CA LEU A 323 -7.64 -22.68 -2.47
C LEU A 323 -8.55 -23.88 -2.24
N GLY A 324 -9.75 -23.84 -2.82
CA GLY A 324 -10.69 -24.94 -2.73
C GLY A 324 -11.76 -24.71 -1.68
N ALA A 325 -11.95 -23.46 -1.27
CA ALA A 325 -13.01 -23.13 -0.31
C ALA A 325 -14.37 -23.64 -0.80
N LYS A 326 -15.16 -24.19 0.12
CA LYS A 326 -16.42 -24.86 -0.26
C LYS A 326 -17.65 -24.14 0.28
N GLU A 327 -17.43 -23.14 1.12
CA GLU A 327 -18.51 -22.34 1.67
C GLU A 327 -18.09 -20.87 1.77
N THR A 328 -19.05 -19.97 1.91
CA THR A 328 -18.75 -18.55 2.10
C THR A 328 -17.70 -18.41 3.20
N PHE A 329 -16.63 -17.70 2.92
CA PHE A 329 -15.48 -17.71 3.82
C PHE A 329 -14.94 -16.33 4.24
N PHE A 330 -14.99 -15.37 3.31
CA PHE A 330 -14.24 -14.12 3.44
C PHE A 330 -14.63 -13.31 4.69
N TYR A 331 -15.93 -13.23 4.95
CA TYR A 331 -16.43 -12.47 6.10
C TYR A 331 -15.98 -13.05 7.44
N LYS A 332 -15.54 -14.31 7.41
CA LYS A 332 -15.17 -15.03 8.62
C LYS A 332 -13.78 -14.63 9.11
N LEU A 333 -13.11 -13.80 8.32
CA LEU A 333 -11.74 -13.40 8.63
C LEU A 333 -11.68 -12.05 9.34
N VAL A 334 -12.86 -11.44 9.48
CA VAL A 334 -12.98 -10.16 10.16
C VAL A 334 -12.67 -10.31 11.65
N GLY A 335 -13.21 -11.35 12.26
CA GLY A 335 -12.92 -11.65 13.65
C GLY A 335 -11.42 -11.78 13.88
N PRO A 336 -10.81 -12.77 13.21
CA PRO A 336 -9.36 -12.99 13.24
C PRO A 336 -8.53 -11.75 12.94
N LEU A 337 -9.04 -10.87 12.08
CA LEU A 337 -8.34 -9.63 11.75
C LEU A 337 -8.38 -8.66 12.93
N ILE A 338 -9.56 -8.46 13.50
CA ILE A 338 -9.72 -7.60 14.66
C ILE A 338 -8.69 -7.97 15.73
N ASP A 339 -8.54 -9.27 15.96
CA ASP A 339 -7.67 -9.76 17.03
C ASP A 339 -6.17 -9.49 16.82
N VAL A 340 -5.68 -9.66 15.60
CA VAL A 340 -4.25 -9.43 15.32
C VAL A 340 -3.90 -7.94 15.25
N MET A 341 -4.91 -7.09 15.10
CA MET A 341 -4.67 -5.65 14.95
C MET A 341 -4.58 -4.89 16.27
N GLY A 342 -4.94 -5.55 17.37
CA GLY A 342 -4.83 -4.94 18.70
C GLY A 342 -5.58 -3.62 18.81
N SER A 343 -4.89 -2.60 19.31
CA SER A 343 -5.47 -1.27 19.47
C SER A 343 -5.89 -0.66 18.13
N ALA A 344 -5.25 -1.08 17.04
CA ALA A 344 -5.61 -0.60 15.72
C ALA A 344 -6.80 -1.36 15.11
N GLY A 345 -7.42 -2.22 15.91
CA GLY A 345 -8.55 -3.01 15.43
C GLY A 345 -9.86 -2.71 16.13
N GLU A 346 -9.87 -1.67 16.96
CA GLU A 346 -11.02 -1.38 17.82
C GLU A 346 -12.20 -0.71 17.12
N ASP A 347 -11.91 0.09 16.09
CA ASP A 347 -12.95 0.70 15.27
C ASP A 347 -13.67 -0.39 14.48
N LEU A 348 -12.88 -1.27 13.87
CA LEU A 348 -13.40 -2.42 13.15
C LEU A 348 -14.23 -3.33 14.07
N LYS A 349 -13.78 -3.49 15.31
CA LYS A 349 -14.48 -4.36 16.25
C LYS A 349 -15.88 -3.84 16.53
N ARG A 350 -16.02 -2.53 16.67
CA ARG A 350 -17.30 -1.90 16.89
C ARG A 350 -18.26 -2.19 15.75
N GLN A 351 -17.74 -2.15 14.53
CA GLN A 351 -18.56 -2.31 13.33
C GLN A 351 -18.47 -3.70 12.73
N GLN A 352 -18.07 -4.67 13.55
CA GLN A 352 -17.81 -6.03 13.07
C GLN A 352 -18.99 -6.67 12.34
N ALA A 353 -20.19 -6.50 12.89
CA ALA A 353 -21.39 -7.09 12.31
C ALA A 353 -21.69 -6.50 10.95
N GLN A 354 -21.64 -5.17 10.87
CA GLN A 354 -21.88 -4.45 9.61
CA GLN A 354 -21.88 -4.45 9.61
C GLN A 354 -20.90 -4.90 8.53
N VAL A 355 -19.62 -4.95 8.89
CA VAL A 355 -18.55 -5.31 7.95
C VAL A 355 -18.70 -6.76 7.48
N GLU A 356 -18.99 -7.66 8.41
CA GLU A 356 -19.19 -9.07 8.07
C GLU A 356 -20.40 -9.27 7.14
N GLN A 357 -21.47 -8.50 7.37
CA GLN A 357 -22.66 -8.63 6.52
C GLN A 357 -22.40 -8.11 5.11
N VAL A 358 -21.71 -6.98 5.00
CA VAL A 358 -21.33 -6.46 3.70
C VAL A 358 -20.50 -7.48 2.92
N LEU A 359 -19.49 -8.05 3.58
CA LEU A 359 -18.60 -9.02 2.94
C LEU A 359 -19.32 -10.33 2.62
N LYS A 360 -20.23 -10.74 3.50
CA LYS A 360 -20.97 -11.98 3.25
C LYS A 360 -21.88 -11.80 2.05
N THR A 361 -22.61 -10.68 2.01
CA THR A 361 -23.51 -10.38 0.92
C THR A 361 -22.77 -10.29 -0.42
N GLU A 362 -21.64 -9.60 -0.41
CA GLU A 362 -20.85 -9.43 -1.61
CA GLU A 362 -20.82 -9.44 -1.62
C GLU A 362 -20.31 -10.76 -2.15
N GLU A 363 -19.83 -11.61 -1.25
CA GLU A 363 -19.30 -12.90 -1.69
C GLU A 363 -20.41 -13.81 -2.22
N GLU A 364 -21.54 -13.85 -1.52
CA GLU A 364 -22.69 -14.65 -1.94
C GLU A 364 -23.21 -14.22 -3.31
N GLN A 365 -23.26 -12.91 -3.53
CA GLN A 365 -23.68 -12.36 -4.82
C GLN A 365 -22.75 -12.78 -5.96
N PHE A 366 -21.44 -12.72 -5.72
CA PHE A 366 -20.45 -13.06 -6.75
C PHE A 366 -20.38 -14.57 -7.00
N ALA A 367 -20.69 -15.35 -5.96
CA ALA A 367 -20.66 -16.81 -6.06
C ALA A 367 -21.66 -17.35 -7.09
N ARG A 368 -22.74 -16.60 -7.31
CA ARG A 368 -23.73 -16.92 -8.34
C ARG A 368 -23.12 -17.15 -9.73
N THR A 369 -22.05 -16.41 -10.05
CA THR A 369 -21.44 -16.49 -11.38
C THR A 369 -19.98 -16.94 -11.41
N LEU A 370 -19.31 -16.91 -10.26
CA LEU A 370 -17.86 -17.14 -10.23
C LEU A 370 -17.40 -18.43 -10.90
N GLU A 371 -17.86 -19.56 -10.40
CA GLU A 371 -17.42 -20.84 -10.94
C GLU A 371 -17.74 -21.01 -12.41
N ARG A 372 -18.89 -20.49 -12.83
CA ARG A 372 -19.29 -20.58 -14.23
C ARG A 372 -18.40 -19.70 -15.11
N GLY A 373 -18.09 -18.50 -14.62
CA GLY A 373 -17.12 -17.64 -15.29
C GLY A 373 -15.74 -18.29 -15.38
N LEU A 374 -15.32 -18.92 -14.30
CA LEU A 374 -14.01 -19.59 -14.30
C LEU A 374 -13.97 -20.75 -15.29
N ALA A 375 -15.06 -21.49 -15.37
CA ALA A 375 -15.20 -22.55 -16.37
C ALA A 375 -15.11 -21.99 -17.79
N LEU A 376 -15.84 -20.90 -18.05
CA LEU A 376 -15.78 -20.25 -19.35
C LEU A 376 -14.36 -19.78 -19.66
N LEU A 377 -13.74 -19.11 -18.70
CA LEU A 377 -12.37 -18.64 -18.88
C LEU A 377 -11.42 -19.81 -19.18
N ASP A 378 -11.52 -20.88 -18.40
CA ASP A 378 -10.69 -22.07 -18.62
C ASP A 378 -10.89 -22.61 -20.03
N GLU A 379 -12.14 -22.60 -20.48
CA GLU A 379 -12.52 -23.08 -21.80
C GLU A 379 -11.88 -22.23 -22.90
N GLU A 380 -11.87 -20.91 -22.71
CA GLU A 380 -11.33 -19.99 -23.70
C GLU A 380 -9.79 -19.98 -23.70
N LEU A 381 -9.18 -20.26 -22.54
CA LEU A 381 -7.73 -20.34 -22.45
C LEU A 381 -7.22 -21.62 -23.09
N ALA A 382 -8.07 -22.64 -23.13
CA ALA A 382 -7.70 -23.92 -23.71
C ALA A 382 -7.69 -23.88 -25.24
N LYS A 383 -8.55 -23.04 -25.81
CA LYS A 383 -8.66 -22.94 -27.28
C LYS A 383 -7.89 -21.74 -27.80
N LEU A 384 -7.23 -21.02 -26.90
CA LEU A 384 -6.48 -19.83 -27.24
C LEU A 384 -5.13 -20.16 -27.89
N SER A 385 -4.83 -19.48 -28.98
CA SER A 385 -3.50 -19.54 -29.56
C SER A 385 -2.84 -18.18 -29.36
N GLY A 386 -1.63 -18.18 -28.79
CA GLY A 386 -0.95 -16.94 -28.47
C GLY A 386 -0.97 -16.66 -26.98
N ASP A 387 -0.24 -15.64 -26.56
CA ASP A 387 -0.05 -15.34 -25.15
C ASP A 387 -1.01 -14.27 -24.63
N THR A 388 -2.06 -13.98 -25.38
CA THR A 388 -2.98 -12.91 -25.01
C THR A 388 -4.46 -13.28 -25.22
N LEU A 389 -5.24 -13.19 -24.14
CA LEU A 389 -6.68 -13.37 -24.21
C LEU A 389 -7.32 -12.12 -24.82
N ASP A 390 -8.18 -12.32 -25.82
CA ASP A 390 -8.82 -11.18 -26.47
C ASP A 390 -9.77 -10.45 -25.53
N GLY A 391 -9.91 -9.15 -25.74
CA GLY A 391 -10.74 -8.31 -24.89
C GLY A 391 -12.23 -8.58 -25.00
N GLU A 392 -12.60 -9.37 -26.00
CA GLU A 392 -14.00 -9.77 -26.19
C GLU A 392 -14.41 -10.76 -25.10
N THR A 393 -13.57 -11.76 -24.85
CA THR A 393 -13.79 -12.73 -23.78
C THR A 393 -13.76 -12.04 -22.41
N ALA A 394 -12.77 -11.16 -22.22
CA ALA A 394 -12.67 -10.40 -20.99
C ALA A 394 -13.92 -9.56 -20.77
N PHE A 395 -14.46 -9.00 -21.84
CA PHE A 395 -15.70 -8.23 -21.74
C PHE A 395 -16.89 -9.12 -21.40
N ARG A 396 -16.92 -10.32 -21.97
CA ARG A 396 -17.96 -11.30 -21.70
C ARG A 396 -17.94 -11.71 -20.23
N LEU A 397 -16.74 -12.01 -19.72
CA LEU A 397 -16.57 -12.33 -18.30
C LEU A 397 -17.07 -11.21 -17.42
N TYR A 398 -16.79 -9.98 -17.83
CA TYR A 398 -17.27 -8.81 -17.10
C TYR A 398 -18.79 -8.64 -17.18
N ASP A 399 -19.32 -8.68 -18.40
CA ASP A 399 -20.70 -8.30 -18.67
C ASP A 399 -21.70 -9.31 -18.12
N THR A 400 -21.42 -10.59 -18.31
CA THR A 400 -22.31 -11.64 -17.84
C THR A 400 -21.99 -12.14 -16.42
N TYR A 401 -20.70 -12.35 -16.14
CA TYR A 401 -20.31 -12.98 -14.87
C TYR A 401 -19.83 -12.00 -13.79
N GLY A 402 -19.64 -10.74 -14.16
CA GLY A 402 -19.24 -9.72 -13.20
C GLY A 402 -17.77 -9.76 -12.82
N PHE A 403 -16.94 -10.35 -13.68
CA PHE A 403 -15.48 -10.34 -13.51
C PHE A 403 -14.93 -8.97 -13.92
N PRO A 404 -14.41 -8.20 -12.96
CA PRO A 404 -13.63 -7.02 -13.36
C PRO A 404 -12.44 -7.45 -14.23
N VAL A 405 -12.02 -6.59 -15.16
CA VAL A 405 -10.95 -6.96 -16.08
C VAL A 405 -9.66 -7.36 -15.35
N ASP A 406 -9.38 -6.70 -14.23
CA ASP A 406 -8.17 -7.02 -13.48
C ASP A 406 -8.27 -8.37 -12.75
N LEU A 407 -9.47 -8.78 -12.41
CA LEU A 407 -9.66 -10.10 -11.84
C LEU A 407 -9.35 -11.17 -12.90
N THR A 408 -9.93 -11.00 -14.09
CA THR A 408 -9.64 -11.88 -15.22
C THR A 408 -8.14 -11.93 -15.54
N ALA A 409 -7.51 -10.75 -15.55
CA ALA A 409 -6.07 -10.65 -15.81
C ALA A 409 -5.23 -11.37 -14.74
N ASP A 410 -5.70 -11.30 -13.50
CA ASP A 410 -5.05 -11.96 -12.37
C ASP A 410 -5.02 -13.47 -12.56
N VAL A 411 -6.16 -14.05 -12.95
CA VAL A 411 -6.23 -15.48 -13.27
C VAL A 411 -5.27 -15.81 -14.43
N CYS A 412 -5.33 -15.03 -15.50
CA CYS A 412 -4.53 -15.30 -16.70
C CYS A 412 -3.03 -15.19 -16.43
N ARG A 413 -2.64 -14.22 -15.61
CA ARG A 413 -1.25 -13.98 -15.25
C ARG A 413 -0.64 -15.24 -14.65
N GLU A 414 -1.41 -15.93 -13.81
CA GLU A 414 -0.96 -17.16 -13.16
C GLU A 414 -0.69 -18.29 -14.16
N ARG A 415 -1.13 -18.10 -15.40
CA ARG A 415 -0.92 -19.10 -16.43
C ARG A 415 -0.03 -18.55 -17.55
N ASN A 416 0.62 -17.41 -17.28
CA ASN A 416 1.53 -16.78 -18.23
C ASN A 416 0.81 -16.28 -19.48
N ILE A 417 -0.44 -15.85 -19.29
CA ILE A 417 -1.24 -15.29 -20.36
C ILE A 417 -1.61 -13.85 -20.03
N LYS A 418 -1.45 -12.96 -21.01
CA LYS A 418 -1.85 -11.58 -20.87
C LYS A 418 -3.29 -11.38 -21.27
N VAL A 419 -3.82 -10.21 -20.96
CA VAL A 419 -5.18 -9.84 -21.35
C VAL A 419 -5.13 -8.58 -22.19
N ASP A 420 -5.81 -8.61 -23.34
CA ASP A 420 -5.84 -7.44 -24.21
C ASP A 420 -6.77 -6.38 -23.63
N GLU A 421 -6.17 -5.47 -22.87
CA GLU A 421 -6.90 -4.47 -22.11
C GLU A 421 -7.55 -3.41 -22.96
N ALA A 422 -6.88 -3.04 -24.04
CA ALA A 422 -7.41 -2.07 -24.98
C ALA A 422 -8.65 -2.65 -25.61
N GLY A 423 -8.55 -3.93 -26.00
CA GLY A 423 -9.68 -4.65 -26.57
C GLY A 423 -10.88 -4.67 -25.63
N PHE A 424 -10.60 -4.76 -24.32
CA PHE A 424 -11.64 -4.75 -23.31
C PHE A 424 -12.28 -3.38 -23.22
N GLU A 425 -11.44 -2.34 -23.18
CA GLU A 425 -11.91 -0.97 -23.04
C GLU A 425 -12.74 -0.54 -24.25
N ALA A 426 -12.33 -0.97 -25.43
CA ALA A 426 -13.07 -0.75 -26.67
C ALA A 426 -14.46 -1.39 -26.60
N ALA A 427 -14.52 -2.62 -26.10
CA ALA A 427 -15.79 -3.33 -25.94
C ALA A 427 -16.70 -2.59 -24.97
N MET A 428 -16.09 -2.04 -23.92
CA MET A 428 -16.82 -1.29 -22.90
C MET A 428 -17.46 -0.03 -23.46
N GLU A 429 -16.71 0.68 -24.30
CA GLU A 429 -17.18 1.93 -24.89
C GLU A 429 -18.25 1.70 -25.94
N GLU A 430 -18.10 0.63 -26.71
CA GLU A 430 -19.08 0.27 -27.72
C GLU A 430 -20.42 -0.03 -27.04
N GLN A 431 -20.39 -0.64 -25.87
CA GLN A 431 -21.63 -0.88 -25.11
C GLN A 431 -22.21 0.42 -24.59
N ARG A 432 -21.33 1.32 -24.15
CA ARG A 432 -21.76 2.65 -23.71
CA ARG A 432 -21.78 2.64 -23.71
C ARG A 432 -22.42 3.41 -24.86
N ARG A 433 -21.89 3.23 -26.07
CA ARG A 433 -22.45 3.85 -27.26
CA ARG A 433 -22.45 3.86 -27.25
C ARG A 433 -23.83 3.28 -27.58
N ARG A 434 -23.97 1.96 -27.44
CA ARG A 434 -25.27 1.31 -27.63
C ARG A 434 -26.29 1.83 -26.62
N ALA A 435 -25.84 2.06 -25.39
CA ALA A 435 -26.74 2.54 -24.35
C ALA A 435 -27.20 3.98 -24.62
N ARG A 436 -26.30 4.79 -25.18
CA ARG A 436 -26.64 6.17 -25.55
C ARG A 436 -27.57 6.18 -26.75
N GLU A 437 -27.25 5.38 -27.75
CA GLU A 437 -28.04 5.26 -28.97
C GLU A 437 -29.48 4.87 -28.65
N ALA A 438 -29.66 3.88 -27.79
CA ALA A 438 -30.99 3.37 -27.45
C ALA A 438 -31.77 4.29 -26.52
N SER A 439 -31.10 4.81 -25.50
CA SER A 439 -31.77 5.60 -24.47
C SER A 439 -32.02 7.04 -24.92
N GLY A 440 -31.10 7.57 -25.73
CA GLY A 440 -31.25 8.90 -26.29
C GLY A 440 -30.74 10.04 -25.42
N PHE A 441 -29.99 9.72 -24.38
CA PHE A 441 -29.39 10.76 -23.53
C PHE A 441 -27.92 10.49 -23.19
#